data_4X1P
#
_entry.id   4X1P
#
_cell.length_a   121.082
_cell.length_b   121.082
_cell.length_c   43.242
_cell.angle_alpha   90.00
_cell.angle_beta   90.00
_cell.angle_gamma   120.00
#
_symmetry.space_group_name_H-M   'H 3'
#
loop_
_entity.id
_entity.type
_entity.pdbx_description
1 polymer 'Urokinase-type plasminogen activator'
2 polymer MUPAIN-1-17
3 non-polymer 'SULFATE ION'
4 non-polymer 'TRIETHYLENE GLYCOL'
5 non-polymer piperidine-1-carboximidamide
6 water water
#
loop_
_entity_poly.entity_id
_entity_poly.type
_entity_poly.pdbx_seq_one_letter_code
_entity_poly.pdbx_strand_id
1 'polypeptide(L)'
;IIGGEFTTIENQPWFAAIYRRHRGGSVTYVCGGSLISPCWVISATHCFIDYPKKEDYIVYLGRSRLNSNTQGEMKFEVEN
LILHKDYSADTLAYHNDIALLKIRSKEGRCAQPSRTIQTIALPSMYNDPQFGTSCEITGFGKEQSTDYLYPEQLKMTVVK
LISHRECQQPHYYGSEVTTKMLCAADPQWKTDSCQGDSGGPLVCSLQGRMTLTGIVSWGRGCALKDKPGVYTRVSHFLPW
IRSHTKE
;
U
2 'polypeptide(L)' CPAYS(DAL)YLDC P
#
loop_
_chem_comp.id
_chem_comp.type
_chem_comp.name
_chem_comp.formula
MRZ non-polymer piperidine-1-carboximidamide 'C6 H13 N3'
PGE non-polymer 'TRIETHYLENE GLYCOL' 'C6 H14 O4'
SO4 non-polymer 'SULFATE ION' 'O4 S -2'
#
# COMPACT_ATOMS: atom_id res chain seq x y z
N ILE A 1 -1.03 -8.92 -6.25
CA ILE A 1 0.10 -8.77 -7.26
C ILE A 1 -0.13 -9.64 -8.45
N ILE A 2 -0.29 -9.01 -9.64
CA ILE A 2 -0.41 -9.79 -10.87
C ILE A 2 1.07 -10.07 -11.28
N GLY A 3 1.36 -11.32 -11.69
CA GLY A 3 2.71 -11.68 -12.05
C GLY A 3 3.66 -11.60 -10.82
N GLY A 4 4.92 -11.19 -11.00
CA GLY A 4 5.83 -11.20 -9.85
C GLY A 4 6.12 -12.52 -9.33
N GLU A 5 6.50 -12.56 -8.04
CA GLU A 5 6.98 -13.77 -7.46
C GLU A 5 6.52 -13.85 -6.05
N PHE A 6 6.42 -15.08 -5.58
CA PHE A 6 6.22 -15.25 -4.14
C PHE A 6 7.40 -14.82 -3.35
N THR A 7 7.11 -14.47 -2.10
CA THR A 7 8.19 -14.04 -1.21
C THR A 7 7.84 -14.41 0.23
N THR A 8 8.68 -13.97 1.14
CA THR A 8 8.36 -14.05 2.59
C THR A 8 8.77 -12.71 3.19
N ILE A 9 8.34 -12.55 4.45
CA ILE A 9 8.40 -11.21 5.11
C ILE A 9 9.82 -10.80 5.35
N GLU A 10 10.78 -11.73 5.38
CA GLU A 10 12.15 -11.27 5.48
C GLU A 10 12.57 -10.36 4.37
N ASN A 11 11.94 -10.46 3.19
CA ASN A 11 12.30 -9.65 2.04
C ASN A 11 11.49 -8.32 1.96
N GLN A 12 10.69 -8.10 2.99
CA GLN A 12 9.88 -6.81 3.04
C GLN A 12 9.45 -6.65 4.51
N PRO A 13 10.42 -6.53 5.42
CA PRO A 13 10.03 -6.76 6.84
C PRO A 13 9.30 -5.60 7.55
N TRP A 14 9.12 -4.54 6.78
CA TRP A 14 8.22 -3.41 7.19
C TRP A 14 6.81 -3.67 6.78
N PHE A 15 6.53 -4.77 6.07
CA PHE A 15 5.17 -4.88 5.53
C PHE A 15 4.19 -5.27 6.64
N ALA A 16 3.04 -4.54 6.71
CA ALA A 16 2.03 -4.83 7.72
C ALA A 16 0.77 -5.29 7.03
N ALA A 17 0.19 -6.35 7.59
CA ALA A 17 -1.02 -6.97 7.09
C ALA A 17 -2.16 -6.53 8.01
N ILE A 18 -3.15 -5.83 7.40
CA ILE A 18 -4.24 -5.23 8.17
C ILE A 18 -5.59 -5.90 7.94
N TYR A 19 -6.24 -6.36 9.02
CA TYR A 19 -7.46 -7.08 8.97
C TYR A 19 -8.58 -6.34 9.73
N ARG A 20 -9.83 -6.66 9.38
CA ARG A 20 -11.02 -6.10 10.03
C ARG A 20 -11.87 -7.19 10.69
N ARG A 21 -12.31 -6.99 11.92
CA ARG A 21 -13.26 -7.88 12.59
C ARG A 21 -14.68 -7.47 12.32
N HIS A 22 -15.50 -8.44 11.97
CA HIS A 22 -16.89 -8.23 11.67
C HIS A 22 -17.79 -8.41 12.85
N ARG A 23 -18.88 -7.67 12.81
CA ARG A 23 -19.97 -7.77 13.77
C ARG A 23 -20.13 -9.16 14.43
N GLY A 24 -20.27 -10.20 13.64
CA GLY A 24 -20.36 -11.52 14.21
C GLY A 24 -19.06 -12.26 14.41
N GLY A 25 -17.92 -11.58 14.31
CA GLY A 25 -16.66 -12.15 14.71
C GLY A 25 -15.68 -12.70 13.69
N SER A 26 -16.11 -12.85 12.45
CA SER A 26 -15.16 -13.22 11.41
C SER A 26 -14.20 -12.09 11.13
N VAL A 27 -13.00 -12.41 10.67
CA VAL A 27 -11.95 -11.47 10.43
C VAL A 27 -11.51 -11.57 8.98
N THR A 28 -11.50 -10.48 8.26
CA THR A 28 -11.15 -10.50 6.87
C THR A 28 -9.98 -9.54 6.56
N TYR A 29 -9.19 -9.82 5.54
CA TYR A 29 -8.08 -8.94 5.20
C TYR A 29 -8.60 -7.64 4.56
N VAL A 30 -7.97 -6.56 4.91
CA VAL A 30 -8.29 -5.23 4.39
C VAL A 30 -7.29 -4.79 3.41
N CYS A 31 -6.08 -4.57 3.86
CA CYS A 31 -5.11 -3.80 3.01
C CYS A 31 -3.74 -4.07 3.61
N GLY A 32 -2.75 -3.62 2.85
CA GLY A 32 -1.39 -3.58 3.42
C GLY A 32 -1.01 -2.27 4.03
N GLY A 33 0.17 -2.26 4.69
CA GLY A 33 0.69 -1.00 5.21
C GLY A 33 2.20 -1.15 5.36
N SER A 34 2.86 -0.10 5.85
CA SER A 34 4.32 -0.17 6.08
C SER A 34 4.69 0.40 7.45
N LEU A 35 5.59 -0.28 8.15
CA LEU A 35 6.06 0.13 9.50
C LEU A 35 7.08 1.27 9.24
N ILE A 36 6.78 2.47 9.72
CA ILE A 36 7.69 3.57 9.52
C ILE A 36 8.39 3.93 10.86
N SER A 37 7.85 3.45 11.96
CA SER A 37 8.56 3.53 13.26
C SER A 37 7.89 2.48 14.12
N PRO A 38 8.45 2.16 15.28
CA PRO A 38 7.86 1.07 16.03
C PRO A 38 6.41 1.21 16.32
N CYS A 39 5.87 2.42 16.52
CA CYS A 39 4.46 2.51 16.90
C CYS A 39 3.61 2.94 15.72
N TRP A 40 4.16 3.04 14.54
CA TRP A 40 3.35 3.64 13.41
C TRP A 40 3.43 2.90 12.12
N VAL A 41 2.25 2.59 11.62
CA VAL A 41 2.09 2.00 10.29
C VAL A 41 1.40 3.00 9.38
N ILE A 42 1.92 3.12 8.15
CA ILE A 42 1.33 3.99 7.12
C ILE A 42 0.64 3.21 6.06
N SER A 43 -0.53 3.70 5.64
CA SER A 43 -1.40 2.96 4.69
C SER A 43 -2.22 3.98 3.93
N ALA A 44 -3.33 3.55 3.33
CA ALA A 44 -4.10 4.44 2.43
C ALA A 44 -5.47 4.67 3.14
N THR A 45 -5.95 5.92 3.19
CA THR A 45 -7.28 6.19 3.73
C THR A 45 -8.42 5.43 3.06
N HIS A 46 -8.41 5.16 1.75
CA HIS A 46 -9.60 4.50 1.17
C HIS A 46 -9.87 3.14 1.77
N CYS A 47 -8.78 2.53 2.35
CA CYS A 47 -8.95 1.19 2.88
C CYS A 47 -9.82 1.19 4.13
N PHE A 48 -10.00 2.35 4.78
CA PHE A 48 -10.62 2.43 6.14
C PHE A 48 -11.84 3.38 6.17
N ILE A 49 -12.05 4.10 5.07
CA ILE A 49 -12.98 5.29 5.07
C ILE A 49 -14.43 4.81 5.33
N ASP A 50 -14.86 3.41 4.97
CA ASP A 50 -16.21 2.85 5.22
C ASP A 50 -16.44 2.38 6.63
N TYR A 51 -15.19 2.01 7.31
CA TYR A 51 -15.23 1.54 8.66
C TYR A 51 -14.18 2.28 9.46
N PRO A 52 -14.49 3.58 9.93
CA PRO A 52 -13.36 4.39 10.41
C PRO A 52 -13.03 4.15 11.84
N LYS A 53 -13.69 3.18 12.45
CA LYS A 53 -13.53 2.96 13.88
C LYS A 53 -12.29 2.06 14.16
N LYS A 54 -11.35 2.63 14.92
CA LYS A 54 -10.03 1.98 15.19
C LYS A 54 -10.25 0.61 15.77
N GLU A 55 -11.38 0.23 16.69
CA GLU A 55 -11.49 -1.00 17.44
C GLU A 55 -11.74 -2.16 16.51
N ASP A 56 -12.02 -1.86 15.24
CA ASP A 56 -12.42 -2.86 14.28
C ASP A 56 -11.17 -3.57 13.69
N TYR A 57 -9.97 -3.09 13.97
CA TYR A 57 -8.83 -3.53 13.16
C TYR A 57 -7.80 -4.33 13.93
N ILE A 58 -7.15 -5.25 13.20
CA ILE A 58 -6.01 -5.94 13.74
C ILE A 58 -4.86 -5.80 12.72
N VAL A 59 -3.66 -5.53 13.21
CA VAL A 59 -2.48 -5.37 12.43
C VAL A 59 -1.44 -6.41 12.80
N TYR A 60 -0.97 -7.12 11.78
CA TYR A 60 0.19 -8.03 12.04
C TYR A 60 1.44 -7.51 11.42
N LEU A 61 2.56 -7.76 12.10
CA LEU A 61 3.89 -7.57 11.56
C LEU A 61 4.59 -8.95 11.57
N GLY A 62 5.56 -9.11 10.66
CA GLY A 62 6.32 -10.34 10.57
C GLY A 62 5.50 -11.51 10.05
N ARG A 63 4.48 -11.22 9.23
CA ARG A 63 3.61 -12.28 8.69
C ARG A 63 3.82 -12.48 7.17
N SER A 64 4.04 -13.74 6.82
CA SER A 64 4.31 -14.10 5.40
C SER A 64 3.12 -14.66 4.78
N ARG A 65 2.17 -15.11 5.58
CA ARG A 65 0.99 -15.86 5.07
C ARG A 65 -0.33 -15.16 5.46
N LEU A 66 -1.31 -15.24 4.59
CA LEU A 66 -2.57 -14.49 4.80
C LEU A 66 -3.44 -15.06 5.92
N ASN A 67 -3.54 -16.39 5.97
CA ASN A 67 -4.44 -17.05 6.92
C ASN A 67 -3.84 -18.06 7.80
N SER A 68 -2.54 -18.03 7.99
CA SER A 68 -1.90 -18.73 9.07
C SER A 68 -0.79 -17.98 9.68
N ASN A 69 -0.37 -18.44 10.84
CA ASN A 69 0.60 -17.67 11.60
C ASN A 69 1.99 -17.96 11.05
N THR A 70 2.81 -16.94 11.06
CA THR A 70 4.20 -17.11 10.71
C THR A 70 4.91 -17.02 12.03
N GLN A 71 5.94 -17.87 12.22
CA GLN A 71 6.65 -17.88 13.49
C GLN A 71 7.32 -16.51 13.65
N GLY A 72 7.23 -16.00 14.84
CA GLY A 72 7.88 -14.76 15.13
C GLY A 72 6.92 -13.57 14.92
N GLU A 73 5.73 -13.80 14.40
CA GLU A 73 4.93 -12.58 14.07
C GLU A 73 4.46 -11.86 15.31
N MET A 74 4.04 -10.62 15.12
CA MET A 74 3.47 -9.84 16.24
C MET A 74 2.09 -9.27 15.88
N LYS A 75 1.18 -9.33 16.81
CA LYS A 75 -0.19 -8.93 16.56
C LYS A 75 -0.53 -7.64 17.37
N PHE A 76 -1.18 -6.69 16.74
CA PHE A 76 -1.45 -5.38 17.43
C PHE A 76 -2.87 -4.93 17.22
N GLU A 77 -3.38 -4.23 18.25
CA GLU A 77 -4.63 -3.44 18.11
C GLU A 77 -4.23 -2.14 17.50
N VAL A 78 -5.25 -1.37 17.07
CA VAL A 78 -4.99 -0.05 16.54
C VAL A 78 -5.38 0.99 17.60
N GLU A 79 -4.35 1.65 18.14
CA GLU A 79 -4.62 2.66 19.18
C GLU A 79 -5.22 3.98 18.61
N ASN A 80 -4.88 4.36 17.38
CA ASN A 80 -5.42 5.52 16.72
C ASN A 80 -5.42 5.28 15.23
N LEU A 81 -6.54 5.55 14.59
CA LEU A 81 -6.65 5.43 13.15
C LEU A 81 -6.81 6.82 12.54
N ILE A 82 -5.78 7.30 11.86
CA ILE A 82 -5.73 8.73 11.44
C ILE A 82 -5.86 8.76 9.91
N LEU A 83 -6.96 9.36 9.42
CA LEU A 83 -7.28 9.40 8.04
C LEU A 83 -6.99 10.86 7.57
N HIS A 84 -6.67 11.07 6.27
CA HIS A 84 -6.31 12.43 5.83
C HIS A 84 -7.56 13.28 5.59
N LYS A 85 -7.63 14.43 6.27
CA LYS A 85 -8.91 15.14 6.19
C LYS A 85 -9.26 15.63 4.81
N ASP A 86 -8.29 15.72 3.90
CA ASP A 86 -8.57 16.14 2.50
C ASP A 86 -8.80 15.02 1.50
N TYR A 87 -8.93 13.80 2.07
CA TYR A 87 -9.33 12.68 1.23
C TYR A 87 -10.51 13.03 0.31
N SER A 88 -10.34 12.67 -0.94
CA SER A 88 -11.48 12.59 -1.78
C SER A 88 -11.34 11.49 -2.80
N ALA A 89 -12.44 11.10 -3.37
CA ALA A 89 -12.45 10.07 -4.37
C ALA A 89 -13.56 10.31 -5.35
N ASP A 90 -13.36 9.87 -6.56
CA ASP A 90 -14.43 9.67 -7.50
C ASP A 90 -14.24 8.27 -7.86
N THR A 91 -15.21 7.56 -8.42
CA THR A 91 -15.12 6.08 -8.48
C THR A 91 -13.76 5.47 -8.68
N LEU A 92 -12.84 6.22 -9.26
CA LEU A 92 -11.51 5.79 -9.56
C LEU A 92 -10.40 6.39 -8.69
N ALA A 93 -10.15 7.67 -8.84
CA ALA A 93 -8.94 8.27 -8.36
C ALA A 93 -9.12 8.67 -6.90
N TYR A 94 -8.23 8.28 -6.04
CA TYR A 94 -8.34 8.74 -4.70
C TYR A 94 -7.31 9.86 -4.61
N HIS A 95 -7.62 10.90 -3.89
CA HIS A 95 -6.74 11.98 -3.57
C HIS A 95 -6.48 11.98 -2.07
N ASN A 96 -5.31 12.35 -1.72
CA ASN A 96 -4.78 12.32 -0.35
C ASN A 96 -4.98 11.03 0.30
N ASP A 97 -4.57 9.99 -0.46
CA ASP A 97 -4.96 8.67 0.02
C ASP A 97 -3.84 8.11 0.94
N ILE A 98 -3.90 8.57 2.19
CA ILE A 98 -2.81 8.29 3.12
C ILE A 98 -3.42 8.27 4.50
N ALA A 99 -2.97 7.33 5.31
CA ALA A 99 -3.51 7.02 6.65
C ALA A 99 -2.42 6.50 7.57
N LEU A 100 -2.58 6.82 8.83
CA LEU A 100 -1.65 6.32 9.87
C LEU A 100 -2.34 5.52 10.91
N LEU A 101 -1.75 4.39 11.29
CA LEU A 101 -2.32 3.51 12.30
C LEU A 101 -1.26 3.49 13.40
N LYS A 102 -1.63 3.98 14.59
CA LYS A 102 -0.75 3.77 15.73
C LYS A 102 -1.04 2.43 16.31
N ILE A 103 0.00 1.60 16.42
CA ILE A 103 -0.22 0.25 16.85
C ILE A 103 0.14 -0.02 18.30
N ARG A 104 -0.60 -0.93 18.92
CA ARG A 104 -0.30 -1.23 20.31
C ARG A 104 -0.71 -2.64 20.57
N SER A 105 0.23 -3.46 21.07
CA SER A 105 -0.19 -4.81 21.42
C SER A 105 -1.10 -4.82 22.63
N LYS A 106 -1.69 -6.18 22.95
CA LYS A 106 -2.59 -6.33 24.10
C LYS A 106 -1.71 -5.99 25.29
N GLU A 107 -0.23 -6.20 25.50
CA GLU A 107 0.80 -5.98 26.48
C GLU A 107 1.17 -4.51 26.46
N GLY A 108 0.37 -3.47 25.58
CA GLY A 108 0.67 -2.06 25.66
C GLY A 108 2.03 -1.91 25.04
N ARG A 109 2.74 -2.76 23.97
CA ARG A 109 4.00 -2.43 23.38
C ARG A 109 3.85 -2.09 21.89
N CYS A 110 4.82 -1.42 21.35
CA CYS A 110 4.92 -1.21 19.91
C CYS A 110 5.76 -2.32 19.28
N ALA A 111 6.06 -2.20 17.98
CA ALA A 111 6.88 -3.23 17.31
C ALA A 111 8.27 -3.29 17.95
N GLN A 112 8.80 -4.52 18.02
CA GLN A 112 10.15 -4.78 18.43
C GLN A 112 10.84 -5.42 17.27
N PRO A 113 11.84 -4.71 16.68
CA PRO A 113 12.54 -5.15 15.46
C PRO A 113 13.17 -6.52 15.66
N SER A 114 13.17 -7.34 14.61
CA SER A 114 13.68 -8.72 14.69
C SER A 114 14.09 -9.02 13.24
N ARG A 115 14.49 -10.27 12.95
CA ARG A 115 14.75 -10.67 11.55
C ARG A 115 13.58 -10.47 10.59
N THR A 116 12.34 -10.52 11.11
CA THR A 116 11.11 -10.41 10.30
C THR A 116 10.38 -9.10 10.42
N ILE A 117 10.90 -8.15 11.22
CA ILE A 117 10.10 -6.91 11.54
C ILE A 117 11.10 -5.76 11.60
N GLN A 118 10.99 -4.79 10.69
CA GLN A 118 11.97 -3.70 10.55
C GLN A 118 11.20 -2.51 10.05
N THR A 119 11.71 -1.29 10.25
CA THR A 119 11.10 -0.10 9.65
C THR A 119 11.68 0.20 8.26
N ILE A 120 10.92 0.98 7.45
CA ILE A 120 11.33 1.46 6.19
C ILE A 120 11.50 3.01 6.29
N ALA A 121 12.60 3.50 5.78
CA ALA A 121 12.86 4.89 5.76
C ALA A 121 11.86 5.68 4.91
N LEU A 122 11.48 6.88 5.39
CA LEU A 122 10.80 7.80 4.53
C LEU A 122 11.71 8.60 3.60
N PRO A 123 11.24 9.04 2.44
CA PRO A 123 12.08 9.87 1.49
C PRO A 123 12.34 11.24 2.06
N SER A 124 13.36 11.93 1.54
CA SER A 124 13.51 13.39 1.86
C SER A 124 12.40 14.09 1.11
N MET A 125 12.05 15.31 1.54
CA MET A 125 10.94 15.99 0.88
C MET A 125 11.17 16.25 -0.61
N TYR A 126 10.17 16.00 -1.38
CA TYR A 126 10.16 16.37 -2.83
C TYR A 126 11.40 15.72 -3.51
N ASN A 127 11.77 14.51 -3.10
CA ASN A 127 13.01 13.84 -3.56
C ASN A 127 12.60 12.46 -4.00
N ASP A 128 12.27 12.33 -5.29
CA ASP A 128 11.85 11.00 -5.82
C ASP A 128 12.83 10.51 -6.87
N PRO A 129 12.82 9.19 -7.15
CA PRO A 129 13.74 8.71 -8.18
C PRO A 129 13.35 9.16 -9.56
N GLN A 130 14.29 9.11 -10.49
CA GLN A 130 14.02 9.47 -11.89
C GLN A 130 12.96 8.59 -12.54
N PHE A 131 12.17 9.11 -13.44
CA PHE A 131 11.23 8.24 -14.08
C PHE A 131 12.04 7.15 -14.83
N GLY A 132 11.48 5.94 -14.95
CA GLY A 132 12.18 4.80 -15.53
C GLY A 132 12.90 3.98 -14.47
N THR A 133 13.08 4.49 -13.24
CA THR A 133 13.69 3.73 -12.10
C THR A 133 12.77 2.53 -11.82
N SER A 134 13.38 1.39 -11.56
CA SER A 134 12.63 0.23 -11.10
C SER A 134 12.45 0.23 -9.58
N CYS A 135 11.20 -0.07 -9.11
CA CYS A 135 10.92 -0.10 -7.69
C CYS A 135 10.16 -1.36 -7.43
N GLU A 136 9.93 -1.70 -6.19
CA GLU A 136 9.25 -2.92 -5.87
C GLU A 136 7.89 -2.60 -5.20
N ILE A 137 6.94 -3.53 -5.32
CA ILE A 137 5.63 -3.45 -4.68
C ILE A 137 5.36 -4.81 -4.02
N THR A 138 4.64 -4.83 -2.87
CA THR A 138 4.47 -6.08 -2.09
C THR A 138 2.98 -6.14 -1.66
N GLY A 139 2.42 -7.34 -1.61
CA GLY A 139 1.10 -7.42 -1.00
C GLY A 139 0.46 -8.78 -1.15
N PHE A 140 -0.68 -8.95 -0.52
CA PHE A 140 -1.51 -10.15 -0.61
C PHE A 140 -2.68 -9.91 -1.54
N GLY A 141 -2.61 -8.97 -2.48
CA GLY A 141 -3.76 -8.78 -3.36
C GLY A 141 -3.89 -9.85 -4.46
N LYS A 142 -4.91 -9.65 -5.26
CA LYS A 142 -5.26 -10.70 -6.27
C LYS A 142 -4.13 -10.97 -7.20
N GLU A 143 -4.05 -12.25 -7.59
CA GLU A 143 -3.03 -12.58 -8.60
C GLU A 143 -3.52 -12.46 -10.08
N GLN A 144 -4.84 -12.44 -10.20
CA GLN A 144 -5.54 -12.20 -11.51
C GLN A 144 -6.73 -11.33 -11.18
N SER A 145 -7.07 -10.42 -12.11
CA SER A 145 -8.19 -9.54 -11.93
C SER A 145 -9.54 -10.30 -11.63
N THR A 146 -9.69 -11.49 -12.21
CA THR A 146 -10.97 -12.19 -12.12
C THR A 146 -10.98 -13.14 -10.92
N ASP A 147 -9.86 -13.30 -10.23
CA ASP A 147 -9.81 -14.21 -9.11
C ASP A 147 -10.79 -13.85 -8.04
N TYR A 148 -11.32 -14.88 -7.41
CA TYR A 148 -12.15 -14.67 -6.30
C TYR A 148 -11.35 -14.69 -5.00
N LEU A 149 -10.24 -15.44 -4.94
CA LEU A 149 -9.47 -15.58 -3.72
C LEU A 149 -8.17 -14.73 -3.80
N TYR A 150 -7.66 -14.41 -2.61
CA TYR A 150 -6.40 -13.72 -2.49
C TYR A 150 -5.37 -14.85 -2.33
N PRO A 151 -4.11 -14.65 -2.72
CA PRO A 151 -3.08 -15.64 -2.50
C PRO A 151 -2.84 -15.83 -1.03
N GLU A 152 -2.49 -17.05 -0.61
CA GLU A 152 -2.15 -17.29 0.78
C GLU A 152 -0.73 -16.83 1.12
N GLN A 153 0.14 -16.67 0.12
CA GLN A 153 1.56 -16.36 0.38
C GLN A 153 1.84 -14.97 -0.18
N LEU A 154 2.67 -14.22 0.54
CA LEU A 154 2.93 -12.81 0.18
C LEU A 154 3.66 -12.80 -1.19
N LYS A 155 3.44 -11.75 -1.98
CA LYS A 155 4.04 -11.60 -3.29
C LYS A 155 4.69 -10.28 -3.41
N MET A 156 5.65 -10.20 -4.35
CA MET A 156 6.26 -8.93 -4.70
C MET A 156 6.49 -8.88 -6.21
N THR A 157 6.60 -7.68 -6.75
CA THR A 157 7.03 -7.57 -8.14
C THR A 157 7.75 -6.24 -8.31
N VAL A 158 8.18 -5.98 -9.54
CA VAL A 158 8.98 -4.80 -9.89
C VAL A 158 8.21 -4.05 -11.01
N VAL A 159 8.05 -2.74 -10.80
CA VAL A 159 7.44 -1.85 -11.75
C VAL A 159 8.34 -0.63 -11.93
N LYS A 160 8.20 0.08 -13.03
CA LYS A 160 9.08 1.27 -13.32
C LYS A 160 8.27 2.52 -13.18
N LEU A 161 8.89 3.53 -12.61
CA LEU A 161 8.24 4.81 -12.39
C LEU A 161 7.97 5.43 -13.75
N ILE A 162 6.79 6.02 -13.89
CA ILE A 162 6.39 6.69 -15.15
C ILE A 162 6.20 8.17 -14.92
N SER A 163 6.63 9.05 -15.87
CA SER A 163 6.57 10.54 -15.59
C SER A 163 5.12 11.05 -15.45
N HIS A 164 4.90 12.13 -14.70
CA HIS A 164 3.55 12.74 -14.61
C HIS A 164 3.17 13.12 -16.02
N ARG A 165 4.14 13.55 -16.83
CA ARG A 165 3.75 13.84 -18.20
C ARG A 165 3.17 12.65 -18.99
N GLU A 166 3.82 11.50 -18.89
CA GLU A 166 3.34 10.32 -19.63
C GLU A 166 1.98 9.90 -19.01
N CYS A 167 1.85 10.03 -17.66
CA CYS A 167 0.69 9.45 -17.05
C CYS A 167 -0.58 10.32 -17.29
N GLN A 168 -0.33 11.62 -17.52
CA GLN A 168 -1.42 12.61 -17.69
C GLN A 168 -1.96 12.61 -19.10
N GLN A 169 -1.35 11.87 -20.03
CA GLN A 169 -1.82 11.82 -21.42
C GLN A 169 -3.20 11.18 -21.44
N PRO A 170 -4.27 11.83 -22.17
CA PRO A 170 -5.65 11.26 -22.12
C PRO A 170 -5.68 9.74 -22.33
N HIS A 171 -4.72 9.00 -23.15
CA HIS A 171 -4.87 7.54 -23.35
C HIS A 171 -4.30 6.83 -22.15
N TYR A 172 -3.63 7.56 -21.25
CA TYR A 172 -3.33 6.99 -19.91
C TYR A 172 -4.44 7.40 -18.96
N TYR A 173 -4.18 8.35 -18.02
CA TYR A 173 -5.15 8.75 -17.07
C TYR A 173 -5.71 10.16 -17.15
N GLY A 174 -5.21 10.97 -18.07
CA GLY A 174 -5.73 12.38 -18.11
C GLY A 174 -5.50 13.15 -16.81
N SER A 175 -6.51 13.94 -16.44
CA SER A 175 -6.43 14.80 -15.25
C SER A 175 -6.64 14.06 -13.95
N GLU A 176 -6.94 12.75 -14.04
CA GLU A 176 -7.17 11.95 -12.83
C GLU A 176 -5.92 11.86 -11.97
N VAL A 177 -4.76 11.92 -12.61
CA VAL A 177 -3.45 11.85 -11.87
C VAL A 177 -2.99 13.24 -11.57
N THR A 178 -2.46 13.46 -10.34
CA THR A 178 -2.01 14.81 -9.94
C THR A 178 -0.56 14.69 -9.57
N THR A 179 0.12 15.80 -9.30
CA THR A 179 1.48 15.70 -8.93
C THR A 179 1.71 15.18 -7.50
N LYS A 180 0.65 14.94 -6.71
CA LYS A 180 0.80 14.30 -5.39
C LYS A 180 0.65 12.72 -5.52
N MET A 181 0.65 12.25 -6.76
CA MET A 181 0.58 10.81 -7.06
C MET A 181 1.75 10.50 -7.95
N LEU A 182 2.16 9.22 -7.92
CA LEU A 182 3.20 8.67 -8.84
C LEU A 182 2.60 7.51 -9.57
N CYS A 183 2.85 7.39 -10.86
CA CYS A 183 2.40 6.22 -11.67
C CYS A 183 3.59 5.26 -11.76
N ALA A 184 3.30 3.98 -11.86
CA ALA A 184 4.38 2.99 -12.11
C ALA A 184 3.74 1.78 -12.75
N ALA A 185 4.42 1.19 -13.72
CA ALA A 185 3.90 0.03 -14.46
C ALA A 185 4.98 -0.79 -15.04
N ASP A 186 4.59 -1.97 -15.55
CA ASP A 186 5.60 -2.77 -16.20
C ASP A 186 5.64 -2.34 -17.67
N PRO A 187 6.84 -2.44 -18.54
CA PRO A 187 6.79 -1.96 -19.93
C PRO A 187 5.86 -2.82 -20.81
N GLN A 188 5.77 -4.24 -20.51
CA GLN A 188 4.84 -5.15 -21.14
C GLN A 188 3.43 -5.11 -20.53
N TRP A 189 3.17 -4.28 -19.49
CA TRP A 189 1.89 -4.38 -18.71
C TRP A 189 1.58 -5.72 -18.14
N LYS A 190 2.59 -6.53 -17.84
CA LYS A 190 2.29 -7.93 -17.44
C LYS A 190 2.32 -8.15 -15.92
N THR A 191 2.63 -7.13 -15.13
CA THR A 191 2.74 -7.30 -13.68
C THR A 191 2.30 -5.98 -13.09
N ASP A 192 1.64 -6.03 -11.94
CA ASP A 192 1.08 -4.83 -11.38
C ASP A 192 0.55 -5.11 -9.98
N SER A 193 0.20 -4.04 -9.28
CA SER A 193 -0.60 -4.25 -8.05
C SER A 193 -2.07 -4.50 -8.45
N CYS A 194 -2.83 -5.12 -7.55
CA CYS A 194 -4.26 -5.36 -7.83
C CYS A 194 -5.07 -5.26 -6.58
N GLN A 195 -6.40 -5.54 -6.68
CA GLN A 195 -7.30 -5.44 -5.55
C GLN A 195 -6.73 -6.19 -4.34
N GLY A 196 -6.68 -5.54 -3.18
CA GLY A 196 -6.13 -6.09 -1.95
C GLY A 196 -4.67 -5.72 -1.71
N ASP A 197 -4.04 -5.08 -2.71
CA ASP A 197 -2.71 -4.57 -2.51
C ASP A 197 -2.67 -3.15 -1.99
N SER A 198 -3.82 -2.46 -2.01
CA SER A 198 -3.79 -1.05 -1.61
C SER A 198 -3.27 -0.91 -0.22
N GLY A 199 -2.66 0.24 -0.02
CA GLY A 199 -2.08 0.56 1.32
C GLY A 199 -0.60 0.16 1.41
N GLY A 200 -0.23 -0.80 0.57
CA GLY A 200 1.18 -1.38 0.70
C GLY A 200 2.27 -0.55 0.09
N PRO A 201 3.52 -0.96 0.30
CA PRO A 201 4.65 -0.17 -0.06
C PRO A 201 5.05 -0.24 -1.53
N LEU A 202 5.38 0.90 -2.10
CA LEU A 202 6.25 1.03 -3.31
C LEU A 202 7.58 1.50 -2.79
N VAL A 203 8.59 0.63 -2.89
CA VAL A 203 9.94 0.87 -2.33
C VAL A 203 10.95 1.04 -3.45
N CYS A 204 11.77 2.07 -3.35
CA CYS A 204 12.75 2.38 -4.36
C CYS A 204 14.04 2.65 -3.65
N SER A 205 15.16 2.37 -4.30
CA SER A 205 16.42 2.44 -3.61
C SER A 205 16.90 3.77 -4.07
N LEU A 206 17.01 4.71 -3.14
CA LEU A 206 17.38 6.11 -3.48
C LEU A 206 18.75 6.30 -2.84
N GLN A 207 19.75 6.22 -3.72
CA GLN A 207 21.18 6.15 -3.40
C GLN A 207 21.47 5.21 -2.24
N GLY A 208 21.39 3.91 -2.51
CA GLY A 208 21.61 2.90 -1.49
C GLY A 208 20.57 2.76 -0.37
N ARG A 209 19.68 3.75 -0.16
CA ARG A 209 18.79 3.55 0.98
C ARG A 209 17.43 3.08 0.43
N MET A 210 16.91 1.99 0.95
CA MET A 210 15.51 1.55 0.54
C MET A 210 14.55 2.61 1.14
N THR A 211 13.67 3.12 0.31
CA THR A 211 12.84 4.32 0.67
C THR A 211 11.41 4.02 0.35
N LEU A 212 10.52 4.37 1.25
CA LEU A 212 9.05 4.32 0.92
C LEU A 212 8.64 5.44 -0.02
N THR A 213 8.77 5.24 -1.32
CA THR A 213 8.50 6.25 -2.29
C THR A 213 6.99 6.41 -2.46
N GLY A 214 6.25 5.29 -2.33
CA GLY A 214 4.82 5.36 -2.69
C GLY A 214 3.99 4.35 -1.80
N ILE A 215 2.67 4.60 -1.84
CA ILE A 215 1.67 3.76 -1.11
C ILE A 215 0.68 3.41 -2.17
N VAL A 216 0.41 2.11 -2.32
CA VAL A 216 -0.50 1.66 -3.42
C VAL A 216 -1.87 2.30 -3.18
N SER A 217 -2.39 2.91 -4.23
CA SER A 217 -3.67 3.67 -4.09
C SER A 217 -4.77 3.26 -5.07
N TRP A 218 -4.53 3.35 -6.35
CA TRP A 218 -5.56 3.06 -7.32
C TRP A 218 -5.05 2.70 -8.69
N GLY A 219 -5.96 2.19 -9.47
CA GLY A 219 -5.66 2.04 -10.94
C GLY A 219 -6.87 1.55 -11.69
N ARG A 220 -6.92 1.72 -13.00
CA ARG A 220 -8.01 1.13 -13.73
C ARG A 220 -7.64 -0.34 -14.04
N GLY A 221 -8.37 -1.25 -13.61
CA GLY A 221 -8.10 -2.67 -13.85
C GLY A 221 -6.84 -3.02 -13.12
N CYS A 222 -6.19 -4.11 -13.52
CA CYS A 222 -4.85 -4.54 -13.00
C CYS A 222 -4.06 -4.97 -14.23
N ALA A 223 -2.81 -4.55 -14.33
CA ALA A 223 -1.96 -4.91 -15.45
C ALA A 223 -2.65 -4.78 -16.83
N LEU A 224 -3.25 -3.60 -17.05
CA LEU A 224 -4.01 -3.30 -18.24
C LEU A 224 -3.14 -2.26 -18.95
N LYS A 225 -2.89 -2.46 -20.23
CA LYS A 225 -2.16 -1.56 -21.12
C LYS A 225 -2.72 -0.09 -20.98
N ASP A 226 -1.61 0.79 -20.88
CA ASP A 226 -1.89 2.23 -20.72
C ASP A 226 -2.62 2.62 -19.47
N LYS A 227 -2.62 1.75 -18.44
CA LYS A 227 -3.30 2.11 -17.25
C LYS A 227 -2.40 1.72 -16.09
N PRO A 228 -1.47 2.60 -15.74
CA PRO A 228 -0.56 2.26 -14.66
C PRO A 228 -1.16 2.11 -13.27
N GLY A 229 -0.38 1.53 -12.34
CA GLY A 229 -0.78 1.68 -10.95
C GLY A 229 -0.44 3.11 -10.50
N VAL A 230 -1.29 3.62 -9.62
CA VAL A 230 -1.11 4.93 -9.08
C VAL A 230 -0.93 4.88 -7.57
N TYR A 231 0.06 5.63 -7.10
CA TYR A 231 0.58 5.58 -5.74
C TYR A 231 0.60 6.94 -5.11
N THR A 232 0.36 7.00 -3.84
CA THR A 232 0.46 8.25 -3.12
C THR A 232 1.94 8.59 -3.13
N ARG A 233 2.25 9.87 -3.34
CA ARG A 233 3.68 10.27 -3.48
C ARG A 233 4.04 10.73 -2.12
N VAL A 234 4.72 9.85 -1.38
CA VAL A 234 5.01 10.00 0.09
C VAL A 234 5.87 11.28 0.32
N SER A 235 6.80 11.57 -0.60
CA SER A 235 7.65 12.73 -0.41
C SER A 235 6.89 14.06 -0.44
N HIS A 236 5.60 14.11 -0.83
CA HIS A 236 4.80 15.31 -0.75
C HIS A 236 3.95 15.34 0.49
N PHE A 237 4.13 14.41 1.41
CA PHE A 237 3.25 14.43 2.64
C PHE A 237 4.02 14.42 3.94
N LEU A 238 5.32 14.80 3.91
CA LEU A 238 6.11 14.66 5.12
C LEU A 238 5.64 15.51 6.34
N PRO A 239 5.18 16.73 6.03
CA PRO A 239 4.67 17.55 7.17
C PRO A 239 3.46 16.92 7.82
N TRP A 240 2.56 16.42 6.97
CA TRP A 240 1.36 15.70 7.49
C TRP A 240 1.82 14.53 8.32
N ILE A 241 2.77 13.75 7.77
CA ILE A 241 3.22 12.57 8.50
C ILE A 241 3.91 12.93 9.82
N ARG A 242 4.72 13.97 9.77
CA ARG A 242 5.46 14.38 11.00
C ARG A 242 4.52 14.90 12.03
N SER A 243 3.55 15.69 11.63
CA SER A 243 2.60 16.15 12.63
C SER A 243 1.75 15.04 13.29
N HIS A 244 1.24 14.12 12.51
CA HIS A 244 0.25 13.20 13.02
C HIS A 244 0.88 12.09 13.81
N THR A 245 2.17 11.91 13.64
CA THR A 245 2.83 10.80 14.29
C THR A 245 3.45 11.33 15.54
N LYS A 246 3.82 12.62 15.56
CA LYS A 246 4.59 13.19 16.70
C LYS A 246 3.58 13.15 17.82
N GLU A 247 2.35 13.43 17.39
CA GLU A 247 1.11 13.23 18.08
C GLU A 247 1.34 13.06 19.57
N CYS B 1 -19.78 1.52 -19.96
CA CYS B 1 -18.53 0.93 -19.34
C CYS B 1 -18.30 1.25 -17.84
N PRO B 2 -17.97 2.53 -17.50
CA PRO B 2 -17.31 2.96 -16.25
C PRO B 2 -17.30 1.94 -15.10
N ALA B 3 -16.21 1.74 -14.35
CA ALA B 3 -14.97 2.56 -14.16
C ALA B 3 -14.75 2.58 -12.63
N TYR B 4 -13.99 1.60 -12.12
CA TYR B 4 -13.84 1.37 -10.68
C TYR B 4 -12.36 1.13 -10.48
N SER B 5 -11.83 1.30 -9.28
CA SER B 5 -10.40 0.97 -9.08
C SER B 5 -10.13 -0.51 -8.96
N DAL B 6 -9.02 -1.08 -9.86
CA DAL B 6 -8.89 -2.40 -9.24
CB DAL B 6 -7.92 -2.50 -8.04
C DAL B 6 -9.49 -3.64 -9.90
O DAL B 6 -9.21 -4.71 -9.05
N TYR B 7 -10.70 -3.09 -10.74
CA TYR B 7 -11.29 -4.44 -11.03
C TYR B 7 -11.09 -4.80 -12.54
N LEU B 8 -12.11 -4.52 -13.33
CA LEU B 8 -11.98 -4.63 -14.79
C LEU B 8 -11.86 -3.26 -15.50
N ASP B 9 -11.56 -3.31 -16.80
CA ASP B 9 -11.61 -2.06 -17.56
C ASP B 9 -13.02 -1.43 -17.39
N CYS B 10 -14.02 -2.26 -17.72
N CYS B 10 -14.08 -2.23 -17.55
CA CYS B 10 -15.46 -1.97 -17.65
CA CYS B 10 -15.47 -1.73 -17.37
C CYS B 10 -16.09 -2.92 -16.68
C CYS B 10 -16.15 -2.18 -16.08
S SO4 C . -8.45 -2.09 -3.00
O1 SO4 C . -9.39 -3.19 -2.86
O2 SO4 C . -8.91 -0.96 -3.81
O3 SO4 C . -8.49 -1.42 -1.65
O4 SO4 C . -7.13 -2.66 -3.28
S SO4 D . -3.75 10.74 -26.54
O1 SO4 D . -5.12 10.29 -26.71
O2 SO4 D . -2.99 9.97 -27.57
O3 SO4 D . -3.61 12.23 -26.78
O4 SO4 D . -3.37 10.48 -25.08
C1 PGE E . -15.48 -15.03 3.73
O1 PGE E . -14.84 -14.47 4.88
C2 PGE E . -15.32 -16.54 3.79
O2 PGE E . -13.94 -16.90 4.01
C3 PGE E . -13.72 -18.32 3.96
C4 PGE E . -12.24 -18.83 3.89
O4 PGE E . -13.90 -17.74 0.98
C6 PGE E . -13.04 -18.83 0.65
C5 PGE E . -12.72 -19.79 1.79
O3 PGE E . -11.71 -19.23 2.61
C1 PGE F . 17.81 -2.30 -4.50
O1 PGE F . 18.97 -1.84 -5.22
C2 PGE F . 17.51 -3.78 -4.70
O2 PGE F . 17.03 -4.11 -6.03
C3 PGE F . 17.92 -4.94 -6.83
C4 PGE F . 17.19 -5.62 -8.00
O4 PGE F . 18.42 -8.96 -9.45
C6 PGE F . 19.58 -8.10 -9.36
C5 PGE F . 19.23 -6.90 -8.51
O3 PGE F . 18.05 -6.22 -8.99
C1 MRZ G . -6.10 -1.59 -6.55
C6 MRZ G . -4.85 -0.71 -6.47
C5 MRZ G . -3.80 -0.96 -7.52
N4 MRZ G . -4.39 -1.17 -8.85
C3 MRZ G . -5.73 -1.69 -9.20
C2 MRZ G . -6.50 -2.00 -7.96
C7 MRZ G . -3.56 -1.03 -10.00
N8 MRZ G . -2.17 -1.02 -9.77
N9 MRZ G . -3.97 -1.37 -11.32
#